data_8ZEX
#
_entry.id   8ZEX
#
_cell.length_a   44.590
_cell.length_b   50.280
_cell.length_c   58.830
_cell.angle_alpha   94.00
_cell.angle_beta   101.32
_cell.angle_gamma   99.97
#
_symmetry.space_group_name_H-M   'P 1'
#
loop_
_entity.id
_entity.type
_entity.pdbx_description
1 polymer HaloKbp1a
2 non-polymer 'POTASSIUM ION'
3 water water
#
_entity_poly.entity_id   1
_entity_poly.type   'polypeptide(L)'
_entity_poly.pdbx_seq_one_letter_code
;MGGSHHHHHHGMASMTGGQQMGRDLYDDDDKDPSSRMAEIGTGFPFDPHYVEVLGERMHYVDVGPRDGTPLLFLHGNPTS
SYVWRNIIPHVAPTHRCIAPDLIGMGKSDKPDLGYFFDDHVRFMDAFIEALGLEEVVLVIHDWGSALGFHWAKRNPERVK
GIAFMEFIRPIPTWDEWPEFLVGPFNFVKDAGEKLWEAVTGQHDKDDLAKKVWEHLHKTGIPDADKVNIQVADGKATVAG
DGLSQEAKEKILVAVGNISGIASVDDQVKTATPATASQFYTVKSGDTLSAISNQVYGNADLYNKIFEANKPMLKSPDKIY
PGQALRIPYSLARETFQAFRTTDVGRKLIIDQNVFIEGTLPMGVVRPLTEVEMDHYREPFLNPVDREPLWRFPNELPIAG
EPANIVALVEEYMDWLHQSPVPKLLFWGTPGVLIPPAEAARLAKSLPNCKAVDIGPGLNLLQEDNPDLIGSEIARWLSTL
EISG
;
_entity_poly.pdbx_strand_id   A
#
loop_
_chem_comp.id
_chem_comp.type
_chem_comp.name
_chem_comp.formula
K non-polymer 'POTASSIUM ION' 'K 1'
#
# COMPACT_ATOMS: atom_id res chain seq x y z
N MET A 37 -18.09 -7.40 9.24
CA MET A 37 -18.85 -8.56 8.77
C MET A 37 -20.00 -8.19 7.82
N ALA A 38 -19.85 -7.13 7.04
CA ALA A 38 -20.86 -6.72 6.09
C ALA A 38 -20.26 -6.51 4.70
N GLU A 39 -21.09 -6.69 3.69
CA GLU A 39 -20.66 -6.52 2.31
C GLU A 39 -20.16 -5.10 2.07
N ILE A 40 -19.14 -4.98 1.21
CA ILE A 40 -18.54 -3.70 0.84
C ILE A 40 -18.94 -3.43 -0.61
N GLY A 41 -19.61 -2.30 -0.85
CA GLY A 41 -20.13 -2.03 -2.17
C GLY A 41 -19.04 -1.77 -3.20
N THR A 42 -19.31 -2.20 -4.43
CA THR A 42 -18.40 -1.98 -5.56
C THR A 42 -18.83 -0.83 -6.46
N GLY A 43 -20.05 -0.35 -6.35
CA GLY A 43 -20.54 0.64 -7.29
C GLY A 43 -20.09 2.05 -6.95
N PHE A 44 -20.20 2.94 -7.93
CA PHE A 44 -19.86 4.34 -7.77
C PHE A 44 -21.07 5.17 -8.20
N PRO A 45 -22.10 5.24 -7.35
CA PRO A 45 -23.37 5.86 -7.75
C PRO A 45 -23.42 7.35 -7.43
N PHE A 46 -22.45 8.09 -7.95
CA PHE A 46 -22.37 9.53 -7.77
C PHE A 46 -22.47 10.17 -9.15
N ASP A 47 -23.30 11.21 -9.26
CA ASP A 47 -23.37 11.92 -10.52
C ASP A 47 -22.06 12.67 -10.77
N PRO A 48 -21.56 12.66 -12.00
CA PRO A 48 -20.31 13.37 -12.27
C PRO A 48 -20.54 14.87 -12.27
N HIS A 49 -19.57 15.58 -11.74
CA HIS A 49 -19.50 17.02 -11.81
C HIS A 49 -18.12 17.39 -12.33
N TYR A 50 -18.04 18.42 -13.15
CA TYR A 50 -16.78 18.88 -13.69
C TYR A 50 -16.66 20.38 -13.51
N VAL A 51 -15.44 20.83 -13.26
CA VAL A 51 -15.19 22.25 -13.06
C VAL A 51 -13.87 22.62 -13.73
N GLU A 52 -13.85 23.79 -14.37
CA GLU A 52 -12.65 24.30 -15.02
C GLU A 52 -11.64 24.80 -14.00
N VAL A 53 -10.45 24.22 -14.03
CA VAL A 53 -9.39 24.57 -13.09
C VAL A 53 -8.12 24.78 -13.90
N LEU A 54 -7.62 26.02 -13.90
CA LEU A 54 -6.40 26.39 -14.63
C LEU A 54 -6.43 25.87 -16.07
N GLY A 55 -7.57 26.04 -16.72
CA GLY A 55 -7.71 25.60 -18.09
C GLY A 55 -7.89 24.11 -18.26
N GLU A 56 -8.05 23.35 -17.19
CA GLU A 56 -8.29 21.93 -17.30
C GLU A 56 -9.56 21.58 -16.54
N ARG A 57 -10.13 20.43 -16.88
CA ARG A 57 -11.37 19.99 -16.28
C ARG A 57 -11.06 18.99 -15.17
N MET A 58 -11.50 19.29 -13.95
CA MET A 58 -11.45 18.31 -12.88
C MET A 58 -12.83 17.73 -12.57
N HIS A 59 -12.85 16.42 -12.37
CA HIS A 59 -14.06 15.70 -12.00
C HIS A 59 -14.17 15.68 -10.49
N TYR A 60 -15.39 15.81 -9.96
CA TYR A 60 -15.53 15.67 -8.53
C TYR A 60 -16.92 15.15 -8.17
N VAL A 61 -16.99 14.48 -7.01
CA VAL A 61 -18.25 14.11 -6.38
C VAL A 61 -18.75 15.29 -5.57
N ASP A 62 -20.07 15.53 -5.60
CA ASP A 62 -20.64 16.63 -4.79
C ASP A 62 -22.04 16.20 -4.37
N VAL A 63 -22.17 15.75 -3.13
CA VAL A 63 -23.44 15.28 -2.60
C VAL A 63 -23.69 15.90 -1.22
N GLY A 64 -24.92 15.71 -0.74
CA GLY A 64 -25.30 16.26 0.55
C GLY A 64 -25.84 17.67 0.41
N PRO A 65 -26.17 18.30 1.54
CA PRO A 65 -26.78 19.64 1.51
C PRO A 65 -25.84 20.69 0.93
N ARG A 66 -26.42 21.79 0.46
CA ARG A 66 -25.62 22.77 -0.26
C ARG A 66 -24.94 23.82 0.62
N ASP A 67 -25.36 24.00 1.88
CA ASP A 67 -25.07 25.24 2.56
C ASP A 67 -24.22 25.17 3.83
N GLY A 68 -23.94 23.99 4.39
CA GLY A 68 -23.15 23.92 5.60
C GLY A 68 -21.65 23.93 5.32
N THR A 69 -20.88 23.68 6.38
CA THR A 69 -19.44 23.44 6.19
C THR A 69 -19.26 22.12 5.45
N PRO A 70 -18.60 22.11 4.29
CA PRO A 70 -18.46 20.86 3.54
C PRO A 70 -17.27 20.05 4.03
N LEU A 71 -17.34 18.76 3.76
CA LEU A 71 -16.22 17.85 3.93
C LEU A 71 -15.53 17.69 2.58
N LEU A 72 -14.21 17.86 2.58
CA LEU A 72 -13.42 17.72 1.36
C LEU A 72 -12.56 16.47 1.49
N PHE A 73 -12.86 15.46 0.66
CA PHE A 73 -12.18 14.17 0.66
C PHE A 73 -11.06 14.18 -0.39
N LEU A 74 -9.82 13.95 0.04
CA LEU A 74 -8.68 13.97 -0.89
C LEU A 74 -8.00 12.61 -0.92
N HIS A 75 -8.04 11.96 -2.08
CA HIS A 75 -7.42 10.66 -2.30
C HIS A 75 -5.92 10.81 -2.64
N GLY A 76 -5.21 9.68 -2.68
CA GLY A 76 -3.80 9.68 -3.01
C GLY A 76 -3.47 8.77 -4.18
N ASN A 77 -2.27 8.13 -4.15
CA ASN A 77 -1.75 7.34 -5.26
C ASN A 77 -2.02 5.87 -5.00
N PRO A 78 -2.58 5.08 -5.94
CA PRO A 78 -3.00 5.38 -7.32
C PRO A 78 -4.52 5.38 -7.43
N THR A 79 -5.19 6.06 -6.52
CA THR A 79 -6.63 5.92 -6.42
C THR A 79 -7.33 7.14 -7.03
N SER A 80 -8.59 7.33 -6.67
CA SER A 80 -9.43 8.40 -7.17
C SER A 80 -10.54 8.58 -6.16
N SER A 81 -11.55 9.38 -6.49
CA SER A 81 -12.66 9.50 -5.54
C SER A 81 -13.36 8.17 -5.31
N TYR A 82 -13.12 7.17 -6.17
CA TYR A 82 -13.72 5.84 -5.97
C TYR A 82 -13.36 5.26 -4.60
N VAL A 83 -12.22 5.65 -4.04
CA VAL A 83 -11.79 5.10 -2.75
C VAL A 83 -12.68 5.59 -1.61
N TRP A 84 -13.42 6.67 -1.82
CA TRP A 84 -14.31 7.22 -0.81
C TRP A 84 -15.75 6.76 -0.97
N ARG A 85 -16.07 5.91 -1.97
CA ARG A 85 -17.47 5.62 -2.30
C ARG A 85 -18.27 5.07 -1.12
N ASN A 86 -17.65 4.32 -0.22
CA ASN A 86 -18.41 3.67 0.86
C ASN A 86 -18.29 4.43 2.18
N ILE A 87 -17.61 5.56 2.18
CA ILE A 87 -17.45 6.44 3.35
C ILE A 87 -18.44 7.58 3.30
N ILE A 88 -18.47 8.27 2.16
CA ILE A 88 -19.33 9.43 1.93
C ILE A 88 -20.80 9.17 2.28
N PRO A 89 -21.41 8.02 1.98
CA PRO A 89 -22.84 7.83 2.31
C PRO A 89 -23.15 7.89 3.81
N HIS A 90 -22.16 7.76 4.68
CA HIS A 90 -22.37 7.89 6.11
C HIS A 90 -22.49 9.35 6.52
N VAL A 91 -21.95 10.25 5.71
CA VAL A 91 -21.89 11.66 6.04
C VAL A 91 -22.83 12.49 5.17
N ALA A 92 -23.09 12.06 3.95
CA ALA A 92 -23.88 12.86 3.04
C ALA A 92 -25.31 13.16 3.50
N PRO A 93 -25.95 12.38 4.39
CA PRO A 93 -27.31 12.79 4.79
C PRO A 93 -27.33 14.11 5.54
N THR A 94 -26.24 14.50 6.21
CA THR A 94 -26.22 15.71 7.02
C THR A 94 -25.16 16.73 6.63
N HIS A 95 -24.16 16.36 5.82
CA HIS A 95 -23.10 17.30 5.46
C HIS A 95 -22.77 17.20 3.98
N ARG A 96 -22.41 18.34 3.40
CA ARG A 96 -21.92 18.33 2.03
C ARG A 96 -20.58 17.60 1.94
N CYS A 97 -20.46 16.68 0.97
CA CYS A 97 -19.24 15.91 0.73
C CYS A 97 -18.75 16.23 -0.66
N ILE A 98 -17.50 16.70 -0.76
CA ILE A 98 -16.88 17.05 -2.02
C ILE A 98 -15.64 16.17 -2.16
N ALA A 99 -15.53 15.43 -3.27
CA ALA A 99 -14.40 14.52 -3.48
C ALA A 99 -13.86 14.66 -4.89
N PRO A 100 -12.79 15.43 -5.07
CA PRO A 100 -12.21 15.61 -6.42
C PRO A 100 -11.27 14.48 -6.80
N ASP A 101 -11.14 14.26 -8.11
CA ASP A 101 -10.06 13.44 -8.62
C ASP A 101 -8.89 14.36 -8.89
N LEU A 102 -7.71 14.03 -8.36
CA LEU A 102 -6.53 14.84 -8.61
C LEU A 102 -6.32 14.97 -10.11
N ILE A 103 -5.69 16.08 -10.51
CA ILE A 103 -5.33 16.25 -11.92
C ILE A 103 -4.52 15.04 -12.39
N GLY A 104 -4.83 14.56 -13.61
CA GLY A 104 -4.20 13.38 -14.14
C GLY A 104 -4.70 12.05 -13.60
N MET A 105 -5.67 12.06 -12.70
CA MET A 105 -6.21 10.82 -12.13
C MET A 105 -7.72 10.80 -12.20
N GLY A 106 -8.26 9.61 -11.97
CA GLY A 106 -9.71 9.43 -11.97
C GLY A 106 -10.29 9.86 -13.30
N LYS A 107 -11.34 10.68 -13.21
CA LYS A 107 -12.00 11.20 -14.40
C LYS A 107 -11.56 12.63 -14.72
N SER A 108 -10.53 13.15 -14.04
CA SER A 108 -10.05 14.48 -14.35
C SER A 108 -9.22 14.46 -15.63
N ASP A 109 -9.01 15.64 -16.21
CA ASP A 109 -8.21 15.74 -17.43
C ASP A 109 -6.76 15.33 -17.17
N LYS A 110 -6.03 15.08 -18.25
CA LYS A 110 -4.65 14.58 -18.19
C LYS A 110 -3.71 15.47 -19.00
N PRO A 111 -3.40 16.67 -18.51
CA PRO A 111 -2.48 17.55 -19.24
C PRO A 111 -1.04 17.03 -19.23
N ASP A 112 -0.27 17.53 -20.20
CA ASP A 112 1.15 17.18 -20.32
C ASP A 112 1.91 17.91 -19.22
N LEU A 113 1.92 17.31 -18.05
CA LEU A 113 2.61 17.85 -16.89
C LEU A 113 3.61 16.82 -16.40
N GLY A 114 4.53 17.28 -15.56
CA GLY A 114 5.40 16.36 -14.85
C GLY A 114 4.73 15.71 -13.66
N TYR A 115 3.58 16.25 -13.27
CA TYR A 115 2.79 15.77 -12.12
C TYR A 115 3.62 15.75 -10.85
N PHE A 116 4.42 16.79 -10.64
CA PHE A 116 5.05 16.99 -9.36
C PHE A 116 4.00 17.34 -8.31
N PHE A 117 4.38 17.17 -7.04
CA PHE A 117 3.52 17.62 -5.96
C PHE A 117 3.07 19.07 -6.17
N ASP A 118 4.00 19.94 -6.57
CA ASP A 118 3.66 21.34 -6.82
C ASP A 118 2.60 21.52 -7.90
N ASP A 119 2.56 20.63 -8.91
CA ASP A 119 1.47 20.66 -9.86
C ASP A 119 0.16 20.36 -9.18
N HIS A 120 0.14 19.32 -8.35
CA HIS A 120 -1.07 18.97 -7.63
C HIS A 120 -1.47 20.08 -6.67
N VAL A 121 -0.50 20.71 -6.01
CA VAL A 121 -0.82 21.84 -5.13
C VAL A 121 -1.55 22.93 -5.91
N ARG A 122 -0.99 23.34 -7.05
CA ARG A 122 -1.59 24.43 -7.82
C ARG A 122 -3.00 24.08 -8.25
N PHE A 123 -3.23 22.84 -8.71
CA PHE A 123 -4.56 22.48 -9.19
C PHE A 123 -5.54 22.36 -8.03
N MET A 124 -5.09 21.80 -6.90
CA MET A 124 -6.02 21.63 -5.77
C MET A 124 -6.36 23.01 -5.16
N ASP A 125 -5.37 23.90 -5.05
CA ASP A 125 -5.65 25.27 -4.61
C ASP A 125 -6.72 25.91 -5.50
N ALA A 126 -6.54 25.79 -6.81
CA ALA A 126 -7.48 26.41 -7.73
C ALA A 126 -8.84 25.73 -7.70
N PHE A 127 -8.88 24.43 -7.40
CA PHE A 127 -10.15 23.71 -7.31
C PHE A 127 -10.96 24.24 -6.14
N ILE A 128 -10.31 24.39 -4.99
CA ILE A 128 -10.99 24.88 -3.80
C ILE A 128 -11.54 26.28 -4.05
N GLU A 129 -10.76 27.13 -4.71
CA GLU A 129 -11.26 28.48 -4.96
C GLU A 129 -12.31 28.48 -6.05
N ALA A 130 -12.24 27.53 -6.99
CA ALA A 130 -13.24 27.51 -8.06
C ALA A 130 -14.60 27.09 -7.53
N LEU A 131 -14.64 26.33 -6.44
CA LEU A 131 -15.89 25.94 -5.81
C LEU A 131 -16.34 26.95 -4.78
N GLY A 132 -15.53 27.97 -4.53
CA GLY A 132 -15.93 28.98 -3.58
C GLY A 132 -15.95 28.48 -2.16
N LEU A 133 -15.21 27.43 -1.86
CA LEU A 133 -15.17 26.93 -0.49
C LEU A 133 -14.51 27.97 0.41
N GLU A 134 -15.11 28.16 1.60
CA GLU A 134 -14.50 28.99 2.63
C GLU A 134 -13.85 28.08 3.69
N GLU A 135 -14.65 27.71 4.69
CA GLU A 135 -14.26 26.79 5.74
C GLU A 135 -14.55 25.37 5.27
N VAL A 136 -13.69 24.43 5.68
CA VAL A 136 -13.83 23.03 5.27
C VAL A 136 -13.42 22.13 6.42
N VAL A 137 -13.88 20.89 6.36
CA VAL A 137 -13.36 19.79 7.17
C VAL A 137 -12.64 18.88 6.17
N LEU A 138 -11.37 18.56 6.45
CA LEU A 138 -10.62 17.74 5.53
C LEU A 138 -10.66 16.27 5.92
N VAL A 139 -10.79 15.40 4.93
CA VAL A 139 -10.69 13.94 5.09
C VAL A 139 -9.70 13.45 4.05
N ILE A 140 -8.52 13.00 4.49
CA ILE A 140 -7.39 12.93 3.58
C ILE A 140 -6.60 11.64 3.82
N HIS A 141 -6.01 11.14 2.74
CA HIS A 141 -5.34 9.83 2.69
C HIS A 141 -4.12 9.90 1.79
N ASP A 142 -2.98 9.33 2.22
CA ASP A 142 -1.84 9.10 1.31
C ASP A 142 -1.37 10.44 0.73
N TRP A 143 -1.13 10.55 -0.58
CA TRP A 143 -0.72 11.85 -1.11
C TRP A 143 -1.81 12.90 -0.93
N GLY A 144 -3.08 12.49 -0.83
CA GLY A 144 -4.12 13.45 -0.48
C GLY A 144 -3.87 14.11 0.86
N SER A 145 -3.21 13.39 1.77
CA SER A 145 -2.91 13.96 3.08
C SER A 145 -1.80 15.02 2.98
N ALA A 146 -0.80 14.83 2.10
CA ALA A 146 0.18 15.89 1.95
C ALA A 146 -0.47 17.14 1.38
N LEU A 147 -1.37 16.98 0.41
CA LEU A 147 -2.12 18.11 -0.13
C LEU A 147 -2.93 18.82 0.96
N GLY A 148 -3.70 18.04 1.73
CA GLY A 148 -4.54 18.64 2.75
C GLY A 148 -3.77 19.31 3.87
N PHE A 149 -2.76 18.60 4.43
CA PHE A 149 -1.96 19.21 5.49
C PHE A 149 -1.23 20.45 4.98
N HIS A 150 -0.74 20.43 3.73
CA HIS A 150 -0.05 21.59 3.23
C HIS A 150 -1.02 22.77 3.04
N TRP A 151 -2.24 22.49 2.62
CA TRP A 151 -3.23 23.56 2.48
C TRP A 151 -3.67 24.06 3.85
N ALA A 152 -3.85 23.15 4.81
CA ALA A 152 -4.26 23.56 6.16
C ALA A 152 -3.21 24.43 6.82
N LYS A 153 -1.93 24.04 6.72
CA LYS A 153 -0.86 24.87 7.29
C LYS A 153 -0.91 26.29 6.76
N ARG A 154 -1.20 26.43 5.46
CA ARG A 154 -1.22 27.74 4.83
C ARG A 154 -2.53 28.48 5.05
N ASN A 155 -3.61 27.78 5.41
CA ASN A 155 -4.93 28.38 5.61
C ASN A 155 -5.56 27.85 6.90
N PRO A 156 -4.89 28.04 8.04
CA PRO A 156 -5.37 27.36 9.26
C PRO A 156 -6.73 27.85 9.73
N GLU A 157 -7.09 29.09 9.40
CA GLU A 157 -8.37 29.64 9.84
C GLU A 157 -9.53 28.98 9.13
N ARG A 158 -9.28 28.32 8.00
CA ARG A 158 -10.33 27.76 7.17
C ARG A 158 -10.49 26.27 7.35
N VAL A 159 -9.80 25.66 8.32
CA VAL A 159 -9.86 24.21 8.51
C VAL A 159 -10.46 23.97 9.88
N LYS A 160 -11.63 23.34 9.90
CA LYS A 160 -12.41 23.10 11.10
C LYS A 160 -12.14 21.73 11.71
N GLY A 161 -11.43 20.86 11.00
CA GLY A 161 -11.05 19.56 11.51
C GLY A 161 -10.40 18.80 10.39
N ILE A 162 -9.59 17.80 10.78
CA ILE A 162 -8.87 16.99 9.80
C ILE A 162 -9.02 15.54 10.23
N ALA A 163 -9.63 14.71 9.38
CA ALA A 163 -9.57 13.26 9.53
C ALA A 163 -8.53 12.71 8.56
N PHE A 164 -7.67 11.82 9.04
CA PHE A 164 -6.59 11.39 8.16
C PHE A 164 -6.20 9.96 8.48
N MET A 165 -5.45 9.40 7.55
CA MET A 165 -5.10 7.99 7.58
C MET A 165 -3.99 7.75 6.57
N GLU A 166 -3.07 6.86 6.93
CA GLU A 166 -2.00 6.39 6.08
C GLU A 166 -1.39 7.55 5.31
N PHE A 167 -0.87 8.52 6.06
CA PHE A 167 -0.48 9.83 5.54
C PHE A 167 1.02 9.95 5.36
N ILE A 168 1.42 11.06 4.73
CA ILE A 168 2.82 11.32 4.36
CA ILE A 168 2.83 11.27 4.40
C ILE A 168 3.52 12.06 5.49
N ARG A 169 4.63 11.51 5.96
CA ARG A 169 5.52 12.10 6.94
C ARG A 169 6.94 11.92 6.44
N PRO A 170 7.87 12.73 6.90
CA PRO A 170 9.24 12.56 6.42
C PRO A 170 9.87 11.30 7.00
N ILE A 171 10.53 10.56 6.13
CA ILE A 171 11.26 9.35 6.51
C ILE A 171 12.74 9.68 6.52
N PRO A 172 13.39 9.73 7.69
CA PRO A 172 14.79 10.17 7.74
C PRO A 172 15.77 9.17 7.13
N THR A 173 15.51 7.86 7.20
CA THR A 173 16.47 6.88 6.73
C THR A 173 15.77 5.73 6.03
N TRP A 174 16.45 5.16 5.04
CA TRP A 174 15.92 3.99 4.34
C TRP A 174 15.74 2.79 5.26
N ASP A 175 16.49 2.73 6.35
CA ASP A 175 16.29 1.55 7.19
C ASP A 175 14.96 1.58 8.01
N GLU A 176 14.07 2.52 7.70
CA GLU A 176 12.71 2.46 8.20
C GLU A 176 11.98 1.21 7.73
N TRP A 177 12.33 0.70 6.57
CA TRP A 177 11.69 -0.45 5.97
C TRP A 177 12.63 -1.64 5.88
N PRO A 178 12.09 -2.84 6.03
CA PRO A 178 12.92 -4.05 6.01
C PRO A 178 13.36 -4.39 4.60
N GLU A 179 14.43 -5.15 4.55
CA GLU A 179 15.09 -5.50 3.32
C GLU A 179 15.23 -7.02 3.29
N PHE A 180 15.36 -7.58 2.10
CA PHE A 180 15.56 -9.01 1.97
C PHE A 180 16.87 -9.42 2.62
N LEU A 181 16.80 -10.34 3.57
CA LEU A 181 18.00 -10.83 4.23
C LEU A 181 18.76 -11.76 3.30
N VAL A 182 20.06 -11.52 3.16
CA VAL A 182 20.88 -12.27 2.21
C VAL A 182 21.12 -13.69 2.72
N GLY A 183 21.31 -14.62 1.80
CA GLY A 183 21.59 -15.99 2.14
C GLY A 183 23.01 -16.18 2.65
N PRO A 184 23.42 -17.43 2.90
CA PRO A 184 22.65 -18.66 2.71
C PRO A 184 21.47 -18.77 3.68
N PHE A 185 20.47 -19.54 3.29
CA PHE A 185 19.27 -19.70 4.07
C PHE A 185 19.23 -21.09 4.68
N ASN A 186 18.85 -21.16 5.94
CA ASN A 186 18.94 -22.38 6.71
C ASN A 186 17.55 -22.92 6.98
N PHE A 187 17.37 -24.21 6.73
CA PHE A 187 16.09 -24.87 6.88
C PHE A 187 16.21 -26.02 7.87
N VAL A 188 15.08 -26.39 8.46
CA VAL A 188 15.04 -27.59 9.29
C VAL A 188 15.29 -28.78 8.37
N LYS A 189 16.46 -29.40 8.51
CA LYS A 189 16.95 -30.36 7.52
C LYS A 189 15.93 -31.45 7.20
N ASP A 190 15.37 -32.09 8.24
CA ASP A 190 14.51 -33.25 8.03
C ASP A 190 13.13 -32.90 7.52
N ALA A 191 12.71 -31.64 7.64
CA ALA A 191 11.36 -31.26 7.25
C ALA A 191 11.22 -31.15 5.74
N GLY A 192 10.02 -31.41 5.25
CA GLY A 192 9.67 -31.21 3.86
C GLY A 192 9.50 -32.52 3.12
N GLU A 193 9.33 -32.40 1.80
CA GLU A 193 9.07 -33.57 0.96
C GLU A 193 10.30 -34.47 0.87
N LYS A 194 10.10 -35.76 1.06
CA LYS A 194 11.19 -36.71 0.88
C LYS A 194 11.27 -37.06 -0.61
N LEU A 195 12.43 -36.80 -1.20
CA LEU A 195 12.66 -37.05 -2.61
C LEU A 195 13.61 -38.21 -2.84
N TRP A 196 14.24 -38.72 -1.79
CA TRP A 196 15.22 -39.79 -1.88
C TRP A 196 15.37 -40.41 -0.50
N GLU A 197 16.21 -41.45 -0.42
CA GLU A 197 16.56 -42.08 0.84
C GLU A 197 17.69 -41.33 1.53
N ASP A 206 25.37 -35.91 -8.52
CA ASP A 206 24.56 -35.34 -9.58
C ASP A 206 23.10 -35.75 -9.42
N ASP A 207 22.92 -36.89 -8.75
CA ASP A 207 21.60 -37.50 -8.62
C ASP A 207 20.67 -36.63 -7.76
N LEU A 208 21.18 -36.07 -6.67
CA LEU A 208 20.31 -35.34 -5.76
C LEU A 208 19.79 -34.06 -6.42
N ALA A 209 20.67 -33.33 -7.11
CA ALA A 209 20.27 -32.10 -7.78
C ALA A 209 19.16 -32.34 -8.80
N LYS A 210 19.25 -33.44 -9.54
CA LYS A 210 18.23 -33.72 -10.55
C LYS A 210 16.87 -33.96 -9.91
N LYS A 211 16.83 -34.72 -8.80
CA LYS A 211 15.55 -34.97 -8.14
C LYS A 211 14.94 -33.66 -7.62
N VAL A 212 15.79 -32.72 -7.20
CA VAL A 212 15.28 -31.45 -6.71
C VAL A 212 14.69 -30.65 -7.86
N TRP A 213 15.42 -30.55 -8.97
CA TRP A 213 14.91 -29.79 -10.10
C TRP A 213 13.62 -30.37 -10.65
N GLU A 214 13.58 -31.69 -10.85
CA GLU A 214 12.34 -32.28 -11.33
C GLU A 214 11.18 -32.08 -10.37
N HIS A 215 11.46 -31.97 -9.06
CA HIS A 215 10.39 -31.70 -8.12
C HIS A 215 9.85 -30.28 -8.27
N LEU A 216 10.74 -29.30 -8.44
CA LEU A 216 10.30 -27.95 -8.72
C LEU A 216 9.49 -27.90 -10.00
N HIS A 217 9.92 -28.63 -11.01
CA HIS A 217 9.20 -28.63 -12.28
C HIS A 217 7.82 -29.25 -12.13
N LYS A 218 7.74 -30.42 -11.49
CA LYS A 218 6.47 -31.13 -11.36
C LYS A 218 5.48 -30.37 -10.48
N THR A 219 5.97 -29.72 -9.42
CA THR A 219 5.06 -28.96 -8.56
C THR A 219 4.76 -27.58 -9.13
N GLY A 220 5.26 -27.27 -10.31
CA GLY A 220 4.88 -26.05 -10.99
C GLY A 220 5.38 -24.76 -10.37
N ILE A 221 6.51 -24.80 -9.68
CA ILE A 221 7.09 -23.59 -9.11
C ILE A 221 7.43 -22.69 -10.29
N PRO A 222 6.85 -21.49 -10.38
CA PRO A 222 7.09 -20.65 -11.56
C PRO A 222 8.57 -20.36 -11.78
N ASP A 223 8.97 -20.40 -13.05
CA ASP A 223 10.34 -20.11 -13.50
C ASP A 223 11.36 -21.13 -13.00
N ALA A 224 10.90 -22.33 -12.61
CA ALA A 224 11.82 -23.43 -12.37
C ALA A 224 12.68 -23.72 -13.58
N ASP A 225 12.15 -23.46 -14.79
CA ASP A 225 12.90 -23.72 -16.01
C ASP A 225 14.14 -22.84 -16.13
N LYS A 226 14.22 -21.75 -15.36
CA LYS A 226 15.34 -20.83 -15.47
C LYS A 226 16.47 -21.11 -14.49
N VAL A 227 16.32 -22.10 -13.60
CA VAL A 227 17.32 -22.29 -12.56
C VAL A 227 17.97 -23.65 -12.74
N ASN A 228 19.19 -23.77 -12.26
CA ASN A 228 19.83 -25.07 -12.13
C ASN A 228 20.26 -25.29 -10.68
N ILE A 229 20.36 -26.56 -10.31
CA ILE A 229 20.49 -26.97 -8.91
C ILE A 229 21.78 -27.75 -8.74
N GLN A 230 22.44 -27.53 -7.60
CA GLN A 230 23.55 -28.34 -7.14
C GLN A 230 23.29 -28.71 -5.69
N VAL A 231 23.49 -29.97 -5.33
CA VAL A 231 23.27 -30.45 -3.96
C VAL A 231 24.51 -31.18 -3.48
N ALA A 232 24.98 -30.84 -2.28
CA ALA A 232 26.18 -31.47 -1.73
C ALA A 232 26.12 -31.39 -0.21
N ASP A 233 26.00 -32.55 0.45
CA ASP A 233 25.97 -32.66 1.90
C ASP A 233 24.87 -31.78 2.49
N GLY A 234 23.65 -31.96 1.97
CA GLY A 234 22.52 -31.20 2.47
C GLY A 234 22.53 -29.72 2.14
N LYS A 235 23.52 -29.25 1.36
CA LYS A 235 23.56 -27.86 0.92
C LYS A 235 23.15 -27.80 -0.54
N ALA A 236 22.13 -27.01 -0.84
CA ALA A 236 21.71 -26.79 -2.21
C ALA A 236 22.20 -25.43 -2.69
N THR A 237 22.72 -25.39 -3.92
CA THR A 237 22.97 -24.14 -4.63
C THR A 237 21.92 -24.01 -5.72
N VAL A 238 21.26 -22.86 -5.77
CA VAL A 238 20.30 -22.55 -6.81
C VAL A 238 20.88 -21.39 -7.60
N ALA A 239 21.09 -21.60 -8.90
CA ALA A 239 21.67 -20.58 -9.76
C ALA A 239 20.75 -20.27 -10.92
N GLY A 240 20.77 -19.02 -11.37
CA GLY A 240 20.03 -18.62 -12.54
C GLY A 240 19.99 -17.11 -12.61
N ASP A 241 19.34 -16.62 -13.67
CA ASP A 241 19.13 -15.18 -13.77
C ASP A 241 17.93 -14.90 -14.66
N GLY A 242 17.48 -13.65 -14.60
CA GLY A 242 16.24 -13.25 -15.23
C GLY A 242 15.01 -13.52 -14.41
N LEU A 243 15.14 -13.89 -13.14
CA LEU A 243 13.98 -14.14 -12.31
C LEU A 243 13.55 -12.88 -11.59
N SER A 244 12.25 -12.81 -11.29
CA SER A 244 11.77 -11.77 -10.41
C SER A 244 12.09 -12.14 -8.97
N GLN A 245 12.03 -11.14 -8.09
CA GLN A 245 12.26 -11.44 -6.68
C GLN A 245 11.23 -12.43 -6.13
N GLU A 246 9.95 -12.24 -6.49
CA GLU A 246 8.92 -13.17 -6.04
C GLU A 246 9.22 -14.60 -6.50
N ALA A 247 9.55 -14.76 -7.78
CA ALA A 247 9.81 -16.11 -8.28
C ALA A 247 11.03 -16.71 -7.59
N LYS A 248 12.05 -15.91 -7.34
CA LYS A 248 13.25 -16.43 -6.70
C LYS A 248 12.93 -16.92 -5.28
N GLU A 249 12.17 -16.12 -4.53
CA GLU A 249 11.80 -16.52 -3.16
C GLU A 249 10.99 -17.80 -3.14
N LYS A 250 10.04 -17.94 -4.08
CA LYS A 250 9.27 -19.19 -4.15
C LYS A 250 10.16 -20.38 -4.48
N ILE A 251 11.17 -20.20 -5.33
CA ILE A 251 12.08 -21.28 -5.67
C ILE A 251 12.94 -21.63 -4.47
N LEU A 252 13.46 -20.60 -3.77
CA LEU A 252 14.32 -20.84 -2.62
C LEU A 252 13.58 -21.62 -1.54
N VAL A 253 12.37 -21.17 -1.19
CA VAL A 253 11.57 -21.84 -0.18
C VAL A 253 11.22 -23.26 -0.61
N ALA A 254 10.91 -23.45 -1.91
CA ALA A 254 10.54 -24.78 -2.37
C ALA A 254 11.72 -25.76 -2.30
N VAL A 255 12.93 -25.29 -2.58
CA VAL A 255 14.12 -26.13 -2.47
C VAL A 255 14.44 -26.43 -1.01
N GLY A 256 14.32 -25.43 -0.14
CA GLY A 256 14.57 -25.65 1.27
C GLY A 256 13.59 -26.61 1.91
N ASN A 257 12.37 -26.68 1.40
CA ASN A 257 11.34 -27.57 1.94
C ASN A 257 11.40 -28.96 1.35
N ILE A 258 12.61 -29.50 1.22
CA ILE A 258 12.85 -30.87 0.79
C ILE A 258 13.57 -31.56 1.94
N SER A 259 13.10 -32.75 2.30
CA SER A 259 13.76 -33.53 3.36
C SER A 259 15.19 -33.82 2.98
N GLY A 260 16.12 -33.40 3.83
CA GLY A 260 17.53 -33.62 3.59
C GLY A 260 18.28 -32.38 3.15
N ILE A 261 17.57 -31.29 2.87
CA ILE A 261 18.18 -30.02 2.52
C ILE A 261 18.24 -29.16 3.76
N ALA A 262 19.47 -28.87 4.21
CA ALA A 262 19.71 -28.06 5.38
C ALA A 262 19.95 -26.59 5.05
N SER A 263 20.50 -26.29 3.89
CA SER A 263 20.72 -24.89 3.55
C SER A 263 20.64 -24.71 2.04
N VAL A 264 20.28 -23.51 1.61
CA VAL A 264 20.17 -23.18 0.20
C VAL A 264 21.07 -22.00 -0.07
N ASP A 265 22.02 -22.18 -0.99
CA ASP A 265 22.96 -21.14 -1.38
C ASP A 265 22.38 -20.38 -2.56
N ASP A 266 22.23 -19.07 -2.41
CA ASP A 266 21.45 -18.25 -3.31
C ASP A 266 22.34 -17.60 -4.36
N GLN A 267 22.38 -18.21 -5.55
CA GLN A 267 23.08 -17.67 -6.72
C GLN A 267 22.10 -17.24 -7.81
N VAL A 268 20.87 -16.89 -7.43
CA VAL A 268 19.84 -16.49 -8.38
C VAL A 268 19.94 -14.97 -8.59
N LYS A 269 20.32 -14.58 -9.79
CA LYS A 269 20.49 -13.17 -10.15
C LYS A 269 19.14 -12.68 -10.63
N THR A 270 18.60 -11.65 -9.99
CA THR A 270 17.26 -11.22 -10.35
C THR A 270 17.31 -9.96 -11.20
N ALA A 271 16.14 -9.59 -11.71
CA ALA A 271 15.94 -8.20 -12.05
C ALA A 271 16.07 -7.38 -10.78
N THR A 272 16.02 -6.07 -10.92
CA THR A 272 15.95 -5.23 -9.73
C THR A 272 14.75 -5.63 -8.87
N PRO A 273 14.96 -6.08 -7.64
CA PRO A 273 13.82 -6.47 -6.80
C PRO A 273 12.96 -5.26 -6.52
N ALA A 274 11.64 -5.47 -6.56
CA ALA A 274 10.68 -4.42 -6.24
C ALA A 274 9.74 -4.83 -5.12
N THR A 275 9.98 -5.99 -4.50
CA THR A 275 9.29 -6.41 -3.28
C THR A 275 10.26 -7.29 -2.51
N ALA A 276 9.87 -7.67 -1.30
CA ALA A 276 10.68 -8.64 -0.58
C ALA A 276 9.82 -9.31 0.49
N SER A 277 10.29 -10.47 0.94
CA SER A 277 9.66 -11.22 2.01
C SER A 277 10.70 -11.62 3.04
N GLN A 278 10.20 -11.96 4.22
CA GLN A 278 10.98 -12.70 5.19
C GLN A 278 10.59 -14.17 5.12
N PHE A 279 11.51 -15.02 5.57
CA PHE A 279 11.28 -16.46 5.62
C PHE A 279 10.95 -16.84 7.06
N TYR A 280 9.86 -17.57 7.23
CA TYR A 280 9.32 -17.95 8.54
C TYR A 280 9.31 -19.46 8.65
N THR A 281 9.70 -20.01 9.80
CA THR A 281 9.68 -21.46 9.99
C THR A 281 8.45 -21.85 10.80
N VAL A 282 7.62 -22.73 10.23
CA VAL A 282 6.39 -23.18 10.89
C VAL A 282 6.72 -23.96 12.16
N LYS A 283 6.03 -23.63 13.24
CA LYS A 283 6.15 -24.31 14.54
C LYS A 283 5.02 -25.31 14.71
N SER A 284 5.24 -26.30 15.57
CA SER A 284 4.16 -27.21 15.91
C SER A 284 3.00 -26.43 16.53
N GLY A 285 1.78 -26.73 16.10
CA GLY A 285 0.62 -26.00 16.54
C GLY A 285 0.28 -24.77 15.72
N ASP A 286 1.17 -24.31 14.85
CA ASP A 286 0.91 -23.10 14.08
C ASP A 286 -0.32 -23.25 13.19
N THR A 287 -1.05 -22.15 13.03
CA THR A 287 -1.99 -21.96 11.94
C THR A 287 -1.57 -20.71 11.18
N LEU A 288 -2.07 -20.54 9.95
CA LEU A 288 -1.72 -19.34 9.20
C LEU A 288 -2.20 -18.10 9.95
N SER A 289 -3.31 -18.23 10.65
CA SER A 289 -3.79 -17.07 11.44
C SER A 289 -2.85 -16.75 12.59
N ALA A 290 -2.35 -17.77 13.30
CA ALA A 290 -1.39 -17.50 14.35
C ALA A 290 -0.12 -16.88 13.77
N ILE A 291 0.30 -17.35 12.60
CA ILE A 291 1.53 -16.82 12.01
C ILE A 291 1.31 -15.38 11.60
N SER A 292 0.16 -15.09 11.03
CA SER A 292 -0.17 -13.71 10.66
C SER A 292 -0.16 -12.81 11.87
N ASN A 293 -0.71 -13.28 13.00
CA ASN A 293 -0.69 -12.47 14.22
C ASN A 293 0.73 -12.19 14.68
N GLN A 294 1.60 -13.20 14.62
CA GLN A 294 2.97 -13.00 15.07
C GLN A 294 3.69 -12.01 14.17
N VAL A 295 3.62 -12.22 12.85
CA VAL A 295 4.49 -11.49 11.95
C VAL A 295 3.91 -10.14 11.57
N TYR A 296 2.59 -10.09 11.36
CA TYR A 296 1.96 -8.86 10.94
C TYR A 296 1.31 -8.10 12.09
N GLY A 297 1.05 -8.76 13.22
CA GLY A 297 0.39 -8.11 14.33
C GLY A 297 -1.11 -8.25 14.33
N ASN A 298 -1.66 -8.96 13.35
CA ASN A 298 -3.09 -9.18 13.25
C ASN A 298 -3.31 -10.47 12.51
N ALA A 299 -4.25 -11.28 13.01
CA ALA A 299 -4.49 -12.61 12.46
C ALA A 299 -5.15 -12.58 11.10
N ASP A 300 -5.72 -11.46 10.67
CA ASP A 300 -6.61 -11.50 9.52
C ASP A 300 -5.88 -11.41 8.20
N LEU A 301 -4.54 -11.37 8.21
CA LEU A 301 -3.80 -11.42 6.95
C LEU A 301 -3.38 -12.83 6.60
N TYR A 302 -4.08 -13.82 7.15
CA TYR A 302 -3.76 -15.22 6.88
C TYR A 302 -3.82 -15.54 5.39
N ASN A 303 -4.80 -15.01 4.65
CA ASN A 303 -4.86 -15.37 3.23
C ASN A 303 -3.74 -14.73 2.41
N LYS A 304 -3.19 -13.60 2.83
CA LYS A 304 -1.98 -13.07 2.21
C LYS A 304 -0.85 -14.08 2.26
N ILE A 305 -0.68 -14.74 3.41
CA ILE A 305 0.41 -15.71 3.52
C ILE A 305 0.12 -16.92 2.64
N PHE A 306 -1.13 -17.40 2.65
CA PHE A 306 -1.49 -18.52 1.79
C PHE A 306 -1.17 -18.20 0.33
N GLU A 307 -1.63 -17.05 -0.15
CA GLU A 307 -1.46 -16.70 -1.55
C GLU A 307 0.03 -16.61 -1.89
N ALA A 308 0.83 -16.13 -0.96
CA ALA A 308 2.26 -15.91 -1.21
C ALA A 308 3.02 -17.21 -1.35
N ASN A 309 2.43 -18.34 -0.93
CA ASN A 309 3.14 -19.61 -0.90
C ASN A 309 2.51 -20.63 -1.84
N LYS A 310 1.60 -20.21 -2.71
CA LYS A 310 1.18 -21.01 -3.85
C LYS A 310 2.24 -20.96 -4.96
N PRO A 311 2.39 -22.04 -5.74
CA PRO A 311 1.64 -23.28 -5.69
C PRO A 311 2.17 -24.32 -4.70
N MET A 312 3.26 -24.03 -3.99
CA MET A 312 3.85 -25.13 -3.21
C MET A 312 2.93 -25.51 -2.04
N LEU A 313 2.19 -24.56 -1.50
CA LEU A 313 1.19 -24.82 -0.47
C LEU A 313 -0.19 -24.92 -1.12
N LYS A 314 -0.90 -26.04 -0.87
CA LYS A 314 -2.18 -26.29 -1.52
C LYS A 314 -3.37 -25.80 -0.72
N SER A 315 -3.31 -25.82 0.61
CA SER A 315 -4.36 -25.25 1.44
C SER A 315 -3.74 -24.82 2.77
N PRO A 316 -4.37 -23.87 3.49
CA PRO A 316 -3.80 -23.43 4.77
C PRO A 316 -3.60 -24.55 5.77
N ASP A 317 -4.46 -25.57 5.75
CA ASP A 317 -4.38 -26.71 6.66
C ASP A 317 -3.15 -27.57 6.44
N LYS A 318 -2.45 -27.40 5.33
CA LYS A 318 -1.39 -28.32 4.94
C LYS A 318 0.00 -27.83 5.34
N ILE A 319 0.10 -26.73 6.09
CA ILE A 319 1.41 -26.40 6.62
C ILE A 319 1.83 -27.50 7.60
N TYR A 320 3.13 -27.58 7.83
CA TYR A 320 3.67 -28.65 8.68
C TYR A 320 4.86 -28.11 9.44
N PRO A 321 5.13 -28.64 10.64
CA PRO A 321 6.25 -28.13 11.45
C PRO A 321 7.58 -28.28 10.69
N GLY A 322 8.37 -27.21 10.74
CA GLY A 322 9.64 -27.16 10.05
C GLY A 322 9.55 -26.61 8.64
N GLN A 323 8.35 -26.42 8.12
CA GLN A 323 8.18 -25.84 6.80
C GLN A 323 8.59 -24.39 6.80
N ALA A 324 9.29 -23.97 5.74
CA ALA A 324 9.57 -22.57 5.51
C ALA A 324 8.49 -21.96 4.63
N LEU A 325 8.05 -20.75 5.00
CA LEU A 325 7.08 -19.98 4.22
C LEU A 325 7.63 -18.59 3.95
N ARG A 326 7.28 -18.03 2.78
CA ARG A 326 7.63 -16.63 2.56
C ARG A 326 6.49 -15.76 3.07
N ILE A 327 6.84 -14.69 3.77
CA ILE A 327 5.88 -13.75 4.31
C ILE A 327 6.23 -12.36 3.78
N PRO A 328 5.52 -11.89 2.76
CA PRO A 328 5.84 -10.59 2.16
C PRO A 328 5.80 -9.46 3.19
N TYR A 329 6.77 -8.57 3.10
CA TYR A 329 6.77 -7.39 3.95
C TYR A 329 5.62 -6.48 3.52
N SER A 330 4.97 -5.86 4.50
CA SER A 330 3.89 -4.92 4.20
C SER A 330 4.40 -3.80 3.31
N LEU A 331 5.62 -3.35 3.56
CA LEU A 331 6.31 -2.39 2.71
C LEU A 331 7.79 -2.72 2.79
N ALA A 332 8.35 -3.26 1.73
CA ALA A 332 9.77 -3.58 1.67
C ALA A 332 10.59 -2.37 1.25
N ARG A 333 11.81 -2.28 1.78
CA ARG A 333 12.70 -1.21 1.35
C ARG A 333 12.92 -1.25 -0.16
N GLU A 334 12.89 -2.45 -0.73
CA GLU A 334 13.17 -2.64 -2.15
C GLU A 334 12.19 -1.87 -3.02
N THR A 335 10.96 -1.68 -2.54
CA THR A 335 9.89 -1.18 -3.38
C THR A 335 10.14 0.26 -3.79
N PHE A 336 10.33 1.15 -2.82
CA PHE A 336 10.54 2.53 -3.22
C PHE A 336 11.95 2.75 -3.75
N GLN A 337 12.91 1.89 -3.39
CA GLN A 337 14.21 1.92 -4.03
C GLN A 337 14.08 1.65 -5.52
N ALA A 338 13.28 0.66 -5.90
CA ALA A 338 13.09 0.38 -7.32
C ALA A 338 12.30 1.48 -8.01
N PHE A 339 11.23 1.95 -7.38
CA PHE A 339 10.36 2.95 -7.98
C PHE A 339 11.10 4.26 -8.25
N ARG A 340 12.06 4.62 -7.39
CA ARG A 340 12.71 5.93 -7.44
C ARG A 340 13.92 5.93 -8.38
N THR A 341 13.72 5.44 -9.60
CA THR A 341 14.74 5.43 -10.63
C THR A 341 14.07 5.68 -11.97
N THR A 342 14.83 6.24 -12.89
CA THR A 342 14.25 6.54 -14.20
C THR A 342 14.33 5.37 -15.17
N ASP A 343 14.98 4.27 -14.81
CA ASP A 343 15.00 3.10 -15.67
C ASP A 343 14.10 2.00 -15.10
N VAL A 344 14.49 1.34 -14.00
CA VAL A 344 13.66 0.29 -13.42
C VAL A 344 12.31 0.83 -12.98
N GLY A 345 12.30 2.00 -12.34
CA GLY A 345 11.07 2.51 -11.78
C GLY A 345 10.03 2.81 -12.83
N ARG A 346 10.47 3.35 -13.97
CA ARG A 346 9.52 3.65 -15.05
C ARG A 346 9.08 2.37 -15.77
N LYS A 347 10.00 1.42 -15.94
CA LYS A 347 9.60 0.13 -16.51
C LYS A 347 8.52 -0.53 -15.66
N LEU A 348 8.72 -0.54 -14.34
CA LEU A 348 7.71 -1.16 -13.48
C LEU A 348 6.39 -0.40 -13.53
N ILE A 349 6.41 0.90 -13.28
CA ILE A 349 5.16 1.63 -13.04
C ILE A 349 4.48 2.07 -14.33
N ILE A 350 5.27 2.51 -15.32
CA ILE A 350 4.72 2.99 -16.59
C ILE A 350 4.47 1.82 -17.53
N ASP A 351 5.50 1.00 -17.78
CA ASP A 351 5.36 -0.05 -18.79
C ASP A 351 4.52 -1.22 -18.28
N GLN A 352 4.74 -1.67 -17.04
CA GLN A 352 4.07 -2.86 -16.51
C GLN A 352 2.91 -2.55 -15.57
N ASN A 353 2.69 -1.27 -15.24
CA ASN A 353 1.52 -0.83 -14.46
C ASN A 353 1.53 -1.43 -13.06
N VAL A 354 2.72 -1.56 -12.46
CA VAL A 354 2.85 -2.27 -11.18
C VAL A 354 2.13 -1.54 -10.05
N PHE A 355 2.01 -0.22 -10.09
CA PHE A 355 1.35 0.43 -8.97
C PHE A 355 -0.13 0.03 -8.91
N ILE A 356 -0.74 -0.22 -10.07
CA ILE A 356 -2.13 -0.63 -10.12
C ILE A 356 -2.28 -2.14 -9.96
N GLU A 357 -1.44 -2.92 -10.66
CA GLU A 357 -1.65 -4.37 -10.64
C GLU A 357 -0.97 -5.07 -9.47
N GLY A 358 -0.02 -4.44 -8.83
CA GLY A 358 0.70 -5.08 -7.76
C GLY A 358 0.60 -4.36 -6.44
N THR A 359 1.01 -3.09 -6.45
CA THR A 359 1.10 -2.35 -5.20
C THR A 359 -0.29 -2.10 -4.61
N LEU A 360 -1.24 -1.72 -5.45
CA LEU A 360 -2.61 -1.46 -4.97
C LEU A 360 -3.24 -2.69 -4.31
N PRO A 361 -3.25 -3.88 -4.93
CA PRO A 361 -3.76 -5.04 -4.17
C PRO A 361 -2.97 -5.35 -2.90
N MET A 362 -1.65 -5.09 -2.89
CA MET A 362 -0.88 -5.28 -1.66
C MET A 362 -1.17 -4.21 -0.63
N GLY A 363 -1.96 -3.21 -0.97
CA GLY A 363 -2.40 -2.21 0.00
C GLY A 363 -3.76 -2.48 0.59
N VAL A 364 -4.38 -3.62 0.28
CA VAL A 364 -5.69 -3.99 0.78
C VAL A 364 -5.61 -5.38 1.37
N VAL A 365 -6.18 -5.57 2.57
CA VAL A 365 -6.10 -6.90 3.20
C VAL A 365 -7.03 -7.87 2.49
N ARG A 366 -8.29 -7.48 2.30
CA ARG A 366 -9.19 -8.34 1.58
C ARG A 366 -8.86 -8.33 0.09
N PRO A 367 -9.28 -9.36 -0.64
CA PRO A 367 -9.08 -9.35 -2.09
C PRO A 367 -10.05 -8.41 -2.77
N LEU A 368 -9.51 -7.51 -3.59
CA LEU A 368 -10.35 -6.65 -4.42
C LEU A 368 -11.02 -7.50 -5.49
N THR A 369 -12.27 -7.19 -5.81
CA THR A 369 -12.96 -7.88 -6.88
C THR A 369 -12.53 -7.34 -8.24
N GLU A 370 -12.81 -8.10 -9.29
CA GLU A 370 -12.48 -7.63 -10.64
C GLU A 370 -13.20 -6.33 -10.95
N VAL A 371 -14.42 -6.17 -10.44
CA VAL A 371 -15.17 -4.94 -10.67
C VAL A 371 -14.46 -3.76 -10.02
N GLU A 372 -14.00 -3.96 -8.78
CA GLU A 372 -13.25 -2.91 -8.09
C GLU A 372 -11.94 -2.61 -8.80
N MET A 373 -11.24 -3.67 -9.25
CA MET A 373 -9.95 -3.48 -9.90
C MET A 373 -10.12 -2.71 -11.19
N ASP A 374 -11.22 -2.99 -11.90
CA ASP A 374 -11.47 -2.28 -13.15
C ASP A 374 -11.72 -0.79 -12.90
N HIS A 375 -12.40 -0.44 -11.80
CA HIS A 375 -12.58 0.98 -11.48
C HIS A 375 -11.23 1.65 -11.23
N TYR A 376 -10.33 0.95 -10.54
CA TYR A 376 -9.01 1.51 -10.31
C TYR A 376 -8.17 1.49 -11.59
N ARG A 377 -8.40 0.52 -12.47
CA ARG A 377 -7.60 0.44 -13.70
C ARG A 377 -7.98 1.51 -14.71
N GLU A 378 -9.22 1.98 -14.67
CA GLU A 378 -9.77 2.69 -15.83
C GLU A 378 -8.99 3.93 -16.24
N PRO A 379 -8.61 4.84 -15.33
CA PRO A 379 -7.90 6.04 -15.78
C PRO A 379 -6.49 5.78 -16.36
N PHE A 380 -5.96 4.57 -16.21
CA PHE A 380 -4.57 4.29 -16.56
C PHE A 380 -4.44 3.19 -17.61
N LEU A 381 -5.49 2.97 -18.39
CA LEU A 381 -5.44 1.92 -19.40
C LEU A 381 -4.39 2.20 -20.46
N ASN A 382 -4.09 3.50 -20.73
CA ASN A 382 -2.97 3.86 -21.62
C ASN A 382 -1.70 4.11 -20.82
N PRO A 383 -0.59 3.46 -21.16
CA PRO A 383 0.64 3.67 -20.39
C PRO A 383 1.08 5.12 -20.36
N VAL A 384 0.84 5.88 -21.43
CA VAL A 384 1.27 7.27 -21.48
C VAL A 384 0.60 8.08 -20.40
N ASP A 385 -0.49 7.58 -19.82
CA ASP A 385 -1.25 8.26 -18.78
C ASP A 385 -0.77 7.92 -17.37
N ARG A 386 0.31 7.17 -17.25
CA ARG A 386 0.73 6.68 -15.94
C ARG A 386 1.80 7.53 -15.27
N GLU A 387 2.18 8.66 -15.87
CA GLU A 387 3.17 9.55 -15.26
C GLU A 387 2.91 9.88 -13.79
N PRO A 388 1.69 10.30 -13.37
CA PRO A 388 1.51 10.61 -11.94
C PRO A 388 1.84 9.45 -11.03
N LEU A 389 1.60 8.22 -11.47
CA LEU A 389 1.85 7.05 -10.63
C LEU A 389 3.33 6.85 -10.37
N TRP A 390 4.17 7.31 -11.27
CA TRP A 390 5.62 7.19 -11.09
C TRP A 390 6.18 8.41 -10.38
N ARG A 391 5.69 9.60 -10.72
CA ARG A 391 6.21 10.80 -10.06
C ARG A 391 5.89 10.80 -8.57
N PHE A 392 4.70 10.30 -8.19
CA PHE A 392 4.33 10.34 -6.77
C PHE A 392 5.34 9.63 -5.87
N PRO A 393 5.69 8.36 -6.09
CA PRO A 393 6.69 7.75 -5.19
C PRO A 393 8.04 8.44 -5.26
N ASN A 394 8.34 9.09 -6.38
CA ASN A 394 9.58 9.85 -6.52
C ASN A 394 9.55 11.19 -5.82
N GLU A 395 8.38 11.62 -5.36
CA GLU A 395 8.25 12.81 -4.53
C GLU A 395 8.22 12.49 -3.03
N LEU A 396 8.13 11.22 -2.65
CA LEU A 396 8.08 10.89 -1.24
C LEU A 396 9.31 11.43 -0.52
N PRO A 397 9.16 12.01 0.69
CA PRO A 397 10.32 12.58 1.37
C PRO A 397 11.10 11.51 2.11
N ILE A 398 12.09 10.91 1.46
CA ILE A 398 12.85 9.82 2.07
C ILE A 398 14.32 10.19 2.06
N ALA A 399 14.90 10.27 3.26
CA ALA A 399 16.34 10.45 3.45
C ALA A 399 16.84 11.75 2.83
N GLY A 400 16.03 12.80 2.97
CA GLY A 400 16.42 14.13 2.56
C GLY A 400 16.04 14.50 1.15
N GLU A 401 15.47 13.58 0.37
CA GLU A 401 15.22 13.78 -1.05
C GLU A 401 13.76 13.49 -1.37
N PRO A 402 13.10 14.31 -2.21
CA PRO A 402 13.55 15.60 -2.75
C PRO A 402 13.54 16.67 -1.67
N ALA A 403 14.50 17.61 -1.72
CA ALA A 403 14.67 18.55 -0.62
C ALA A 403 13.44 19.43 -0.44
N ASN A 404 12.80 19.83 -1.54
CA ASN A 404 11.66 20.74 -1.42
C ASN A 404 10.49 20.07 -0.71
N ILE A 405 10.23 18.78 -0.99
CA ILE A 405 9.15 18.07 -0.33
C ILE A 405 9.49 17.81 1.13
N VAL A 406 10.72 17.38 1.40
CA VAL A 406 11.12 17.18 2.79
C VAL A 406 10.84 18.43 3.61
N ALA A 407 11.25 19.59 3.10
CA ALA A 407 11.05 20.84 3.85
C ALA A 407 9.58 21.14 4.07
N LEU A 408 8.76 20.95 3.04
CA LEU A 408 7.34 21.27 3.09
C LEU A 408 6.59 20.33 4.03
N VAL A 409 6.97 19.05 4.04
CA VAL A 409 6.32 18.08 4.91
C VAL A 409 6.74 18.29 6.37
N GLU A 410 8.03 18.53 6.60
CA GLU A 410 8.46 18.91 7.95
C GLU A 410 7.68 20.12 8.45
N GLU A 411 7.42 21.08 7.57
CA GLU A 411 6.76 22.32 7.96
C GLU A 411 5.31 22.05 8.37
N TYR A 412 4.60 21.18 7.65
CA TYR A 412 3.22 20.94 8.03
C TYR A 412 3.11 19.95 9.20
N MET A 413 4.09 19.05 9.38
CA MET A 413 4.19 18.29 10.61
C MET A 413 4.44 19.18 11.82
N ASP A 414 5.35 20.15 11.70
CA ASP A 414 5.55 21.11 12.79
C ASP A 414 4.26 21.87 13.12
N TRP A 415 3.57 22.34 12.07
CA TRP A 415 2.30 23.01 12.28
C TRP A 415 1.30 22.11 12.99
N LEU A 416 1.15 20.88 12.49
CA LEU A 416 0.16 19.97 13.06
C LEU A 416 0.46 19.65 14.51
N HIS A 417 1.75 19.60 14.90
CA HIS A 417 2.10 19.25 16.26
C HIS A 417 1.79 20.36 17.26
N GLN A 418 1.62 21.59 16.81
CA GLN A 418 1.25 22.70 17.69
C GLN A 418 -0.16 23.18 17.46
N SER A 419 -0.90 22.59 16.52
CA SER A 419 -2.19 23.18 16.22
C SER A 419 -3.29 22.56 17.08
N PRO A 420 -4.23 23.36 17.59
CA PRO A 420 -5.36 22.81 18.32
C PRO A 420 -6.50 22.30 17.44
N VAL A 421 -6.30 22.25 16.12
CA VAL A 421 -7.37 21.82 15.22
C VAL A 421 -7.80 20.40 15.58
N PRO A 422 -9.09 20.09 15.58
CA PRO A 422 -9.52 18.72 15.86
C PRO A 422 -8.99 17.75 14.81
N LYS A 423 -8.49 16.62 15.30
CA LYS A 423 -7.81 15.62 14.48
C LYS A 423 -8.43 14.27 14.73
N LEU A 424 -8.66 13.52 13.66
CA LEU A 424 -9.17 12.15 13.76
C LEU A 424 -8.25 11.26 12.94
N LEU A 425 -7.50 10.38 13.62
CA LEU A 425 -6.51 9.52 12.97
C LEU A 425 -7.00 8.09 12.92
N PHE A 426 -7.19 7.56 11.72
CA PHE A 426 -7.50 6.15 11.52
C PHE A 426 -6.23 5.38 11.22
N TRP A 427 -6.07 4.22 11.84
CA TRP A 427 -4.88 3.42 11.63
C TRP A 427 -5.27 1.95 11.62
N GLY A 428 -4.44 1.14 10.93
CA GLY A 428 -4.66 -0.28 10.84
C GLY A 428 -3.37 -1.03 11.12
N THR A 429 -3.49 -2.35 11.19
CA THR A 429 -2.36 -3.23 11.46
C THR A 429 -2.23 -4.22 10.32
N PRO A 430 -1.05 -4.37 9.69
CA PRO A 430 0.23 -3.77 10.02
C PRO A 430 0.45 -2.36 9.50
N GLY A 431 -0.44 -1.87 8.64
CA GLY A 431 -0.21 -0.57 8.03
C GLY A 431 0.85 -0.64 6.95
N VAL A 432 1.05 0.47 6.24
CA VAL A 432 2.04 0.55 5.19
C VAL A 432 2.86 1.80 5.42
N LEU A 433 2.23 2.97 5.26
CA LEU A 433 2.93 4.23 5.51
C LEU A 433 2.96 4.55 6.99
N ILE A 434 1.96 4.10 7.75
CA ILE A 434 1.86 4.41 9.17
C ILE A 434 1.71 3.09 9.94
N PRO A 435 2.79 2.53 10.46
CA PRO A 435 2.65 1.32 11.25
C PRO A 435 2.09 1.65 12.63
N PRO A 436 1.57 0.64 13.34
CA PRO A 436 0.89 0.92 14.61
C PRO A 436 1.73 1.71 15.61
N ALA A 437 3.05 1.46 15.69
CA ALA A 437 3.88 2.19 16.66
C ALA A 437 3.92 3.68 16.36
N GLU A 438 3.95 4.04 15.07
CA GLU A 438 3.87 5.45 14.70
C GLU A 438 2.49 6.04 15.01
N ALA A 439 1.42 5.29 14.75
CA ALA A 439 0.08 5.78 15.06
C ALA A 439 -0.06 6.05 16.55
N ALA A 440 0.48 5.16 17.37
CA ALA A 440 0.43 5.35 18.82
C ALA A 440 1.22 6.58 19.25
N ARG A 441 2.40 6.81 18.68
CA ARG A 441 3.16 7.99 19.02
C ARG A 441 2.41 9.27 18.66
N LEU A 442 1.83 9.29 17.47
CA LEU A 442 1.14 10.49 17.00
C LEU A 442 -0.11 10.77 17.82
N ALA A 443 -0.83 9.72 18.20
CA ALA A 443 -2.03 9.92 19.01
C ALA A 443 -1.70 10.63 20.31
N LYS A 444 -0.50 10.42 20.83
CA LYS A 444 -0.09 11.06 22.08
C LYS A 444 0.57 12.40 21.81
N SER A 445 1.27 12.52 20.69
CA SER A 445 1.99 13.74 20.33
C SER A 445 1.04 14.85 19.88
N LEU A 446 0.13 14.52 18.97
CA LEU A 446 -0.72 15.52 18.32
C LEU A 446 -1.80 16.03 19.28
N PRO A 447 -1.96 17.33 19.43
CA PRO A 447 -3.04 17.84 20.28
C PRO A 447 -4.40 17.61 19.67
N ASN A 448 -5.37 17.41 20.55
CA ASN A 448 -6.78 17.34 20.16
C ASN A 448 -7.01 16.27 19.12
N CYS A 449 -6.37 15.11 19.32
CA CYS A 449 -6.36 14.03 18.34
C CYS A 449 -7.05 12.80 18.93
N LYS A 450 -8.07 12.32 18.23
CA LYS A 450 -8.70 11.04 18.55
C LYS A 450 -8.22 10.01 17.53
N ALA A 451 -7.77 8.87 18.03
CA ALA A 451 -7.24 7.82 17.16
C ALA A 451 -8.20 6.64 17.18
N VAL A 452 -8.41 6.04 16.01
CA VAL A 452 -9.37 4.96 15.83
C VAL A 452 -8.66 3.79 15.16
N ASP A 453 -8.63 2.66 15.85
CA ASP A 453 -8.09 1.40 15.33
C ASP A 453 -9.15 0.73 14.45
N ILE A 454 -8.84 0.54 13.15
CA ILE A 454 -9.83 -0.04 12.25
C ILE A 454 -9.69 -1.55 12.10
N GLY A 455 -8.76 -2.17 12.80
CA GLY A 455 -8.51 -3.58 12.62
C GLY A 455 -7.40 -3.84 11.63
N PRO A 456 -7.50 -4.93 10.86
CA PRO A 456 -6.49 -5.21 9.84
C PRO A 456 -6.54 -4.12 8.76
N GLY A 457 -5.37 -3.71 8.31
CA GLY A 457 -5.34 -2.69 7.29
C GLY A 457 -3.93 -2.54 6.80
N LEU A 458 -3.79 -2.09 5.54
CA LEU A 458 -2.48 -1.89 4.94
C LEU A 458 -2.41 -0.44 4.53
N ASN A 459 -2.62 -0.11 3.26
CA ASN A 459 -2.63 1.29 2.86
C ASN A 459 -4.04 1.83 2.64
N LEU A 460 -4.89 1.14 1.88
CA LEU A 460 -6.26 1.62 1.60
C LEU A 460 -7.19 1.16 2.71
N LEU A 461 -7.11 1.88 3.84
CA LEU A 461 -7.96 1.54 4.97
C LEU A 461 -9.44 1.63 4.59
N GLN A 462 -9.78 2.49 3.63
CA GLN A 462 -11.15 2.62 3.19
C GLN A 462 -11.68 1.33 2.58
N GLU A 463 -10.80 0.48 2.06
CA GLU A 463 -11.23 -0.75 1.44
C GLU A 463 -11.33 -1.88 2.44
N ASP A 464 -10.84 -1.68 3.66
CA ASP A 464 -10.95 -2.77 4.59
C ASP A 464 -12.02 -2.56 5.64
N ASN A 465 -12.26 -1.32 6.10
CA ASN A 465 -13.33 -1.08 7.07
C ASN A 465 -14.05 0.23 6.79
N PRO A 466 -14.67 0.38 5.61
CA PRO A 466 -15.33 1.66 5.31
C PRO A 466 -16.45 1.99 6.28
N ASP A 467 -17.20 1.00 6.77
CA ASP A 467 -18.30 1.32 7.68
C ASP A 467 -17.81 1.95 8.98
N LEU A 468 -16.70 1.44 9.53
CA LEU A 468 -16.19 2.06 10.75
C LEU A 468 -15.67 3.47 10.45
N ILE A 469 -14.96 3.65 9.34
CA ILE A 469 -14.40 4.97 9.07
C ILE A 469 -15.53 5.97 8.84
N GLY A 470 -16.52 5.61 8.02
CA GLY A 470 -17.60 6.55 7.74
C GLY A 470 -18.41 6.88 8.98
N SER A 471 -18.75 5.88 9.79
CA SER A 471 -19.57 6.15 10.96
C SER A 471 -18.78 6.87 12.04
N GLU A 472 -17.47 6.60 12.18
CA GLU A 472 -16.66 7.40 13.10
C GLU A 472 -16.48 8.84 12.64
N ILE A 473 -16.34 9.08 11.33
CA ILE A 473 -16.32 10.47 10.88
C ILE A 473 -17.65 11.13 11.21
N ALA A 474 -18.76 10.44 10.93
CA ALA A 474 -20.08 11.04 11.16
C ALA A 474 -20.29 11.42 12.63
N ARG A 475 -19.83 10.58 13.56
CA ARG A 475 -20.00 10.89 14.98
C ARG A 475 -19.08 12.02 15.44
N TRP A 476 -17.88 12.09 14.85
CA TRP A 476 -16.89 13.10 15.23
C TRP A 476 -17.29 14.50 14.78
N LEU A 477 -18.04 14.62 13.67
CA LEU A 477 -18.39 15.95 13.19
C LEU A 477 -19.18 16.76 14.21
N SER A 478 -19.96 16.08 15.04
CA SER A 478 -20.77 16.77 16.04
C SER A 478 -19.93 17.42 17.13
N THR A 479 -18.61 17.17 17.17
CA THR A 479 -17.70 17.79 18.13
C THR A 479 -16.89 18.94 17.53
N LEU A 480 -17.21 19.41 16.31
CA LEU A 480 -16.31 20.32 15.59
C LEU A 480 -16.69 21.80 15.63
N GLU A 481 -17.92 22.16 15.98
CA GLU A 481 -18.34 23.56 15.79
C GLU A 481 -18.18 23.95 14.33
N ILE A 482 -19.13 23.54 13.50
CA ILE A 482 -19.16 23.85 12.09
C ILE A 482 -20.54 24.42 11.74
K K B . 14.42 -29.16 4.69
#